data_7ZAK
#
_entry.id   7ZAK
#
_cell.length_a   54.000
_cell.length_b   82.682
_cell.length_c   105.977
_cell.angle_alpha   90.000
_cell.angle_beta   90.000
_cell.angle_gamma   90.000
#
_symmetry.space_group_name_H-M   'P 21 21 21'
#
loop_
_entity.id
_entity.type
_entity.pdbx_description
1 polymer 'MHC class II HLA-DP alpha chain (DPA1*02:01)'
2 polymer 'MHC class II HLA-DP beta chain (DPB1*01:01)'
3 polymer 'Synthetic peptide'
4 non-polymer 2-acetamido-2-deoxy-beta-D-glucopyranose
5 non-polymer GLYCEROL
6 non-polymer 'MAGNESIUM ION'
7 water water
#
loop_
_entity_poly.entity_id
_entity_poly.type
_entity_poly.pdbx_seq_one_letter_code
_entity_poly.pdbx_strand_id
1 'polypeptide(L)'
;RSAGAIKADHVSTYAAFVQTHRPTGEFMFEFDEDEQFYVDLDKKETVWHLEEFGRAFSFEAQGGLANIAILNNNLNTLIQ
RSNHTQAANDPPEVTVFPKEPVELGQPNTLICHIDRFFPPVLNVTWLCNGEPVTEGVAESLFLPRTDYSFHKFHYLTFVP
SAEDVYDCRVEHWGLDQPLLKHWEAQEPIQMPETTEGSGGGHGGSTTAPSAQLEKELQALEKENAQLEWELQALEKELAQ
GGSGGGHHHHHHGGGSGGGSGSHHHHHH
;
A
2 'polypeptide(L)'
;LERATPENYVYQGRQECYAFNGTQRFLERYIYNREEYARFDSDVGEFRAVTELGRPAAEYWNSQKDILEEKRAVPDRVCR
HNYELDEAVTLQRRVQPKVNVSPSKKGPLQHHNLLVCHVTDFYPGSIQVRWFLNGQEETAGVVSTNLIRNGDWTFQILVM
LEMTPQQGDVYICQVEHTSLDSPVTVEWKAQSDSAQSKGSGGGSGGSTTAPSAQLKKKLQALKKKNAQLKWKLQALKKKL
AQGGSGGGLNDIFEAQKIEWHE
;
B
3 'polypeptide(L)' KNLEKYKGKFVREID C
#
loop_
_chem_comp.id
_chem_comp.type
_chem_comp.name
_chem_comp.formula
GOL non-polymer GLYCEROL 'C3 H8 O3'
MG non-polymer 'MAGNESIUM ION' 'Mg 2'
NAG D-saccharide, beta linking 2-acetamido-2-deoxy-beta-D-glucopyranose 'C8 H15 N O6'
#
# COMPACT_ATOMS: atom_id res chain seq x y z
N ILE A 6 10.15 -7.16 12.21
CA ILE A 6 11.20 -6.15 12.38
C ILE A 6 10.64 -4.87 12.99
N LYS A 7 11.25 -4.39 14.07
CA LYS A 7 10.80 -3.15 14.69
C LYS A 7 11.11 -1.97 13.78
N ALA A 8 10.17 -1.03 13.69
CA ALA A 8 10.38 0.08 12.77
C ALA A 8 9.43 1.21 13.10
N ASP A 9 9.96 2.42 13.16
CA ASP A 9 9.12 3.59 13.18
C ASP A 9 8.53 3.84 11.79
N HIS A 10 9.32 3.57 10.76
CA HIS A 10 8.96 3.78 9.35
C HIS A 10 9.62 2.73 8.46
N VAL A 11 8.95 2.39 7.36
CA VAL A 11 9.48 1.41 6.42
C VAL A 11 9.46 2.04 5.03
N SER A 12 10.61 2.08 4.39
CA SER A 12 10.77 2.66 3.07
C SER A 12 11.16 1.54 2.13
N THR A 13 10.36 1.30 1.09
CA THR A 13 10.60 0.11 0.29
C THR A 13 10.53 0.38 -1.21
N TYR A 14 11.58 0.00 -1.94
CA TYR A 14 11.47 -0.12 -3.38
C TYR A 14 10.92 -1.51 -3.69
N ALA A 15 9.85 -1.56 -4.48
CA ALA A 15 9.26 -2.84 -4.84
C ALA A 15 9.11 -2.89 -6.35
N ALA A 16 9.50 -4.03 -6.93
CA ALA A 16 9.42 -4.15 -8.38
C ALA A 16 9.08 -5.59 -8.73
N PHE A 17 8.52 -5.78 -9.92
CA PHE A 17 8.29 -7.13 -10.40
C PHE A 17 8.30 -7.11 -11.91
N VAL A 18 8.55 -8.30 -12.46
CA VAL A 18 8.40 -8.58 -13.89
C VAL A 18 7.62 -9.89 -13.96
N GLN A 19 6.93 -10.09 -15.08
CA GLN A 19 6.16 -11.31 -15.29
C GLN A 19 5.83 -11.45 -16.76
N THR A 20 5.34 -12.65 -17.12
CA THR A 20 5.07 -12.95 -18.52
C THR A 20 3.93 -12.11 -19.07
N HIS A 21 2.82 -12.05 -18.33
CA HIS A 21 1.62 -11.31 -18.75
C HIS A 21 1.65 -9.85 -18.30
N ARG A 22 0.75 -9.06 -18.89
CA ARG A 22 0.62 -7.63 -18.61
C ARG A 22 -0.05 -7.41 -17.26
N PRO A 23 0.47 -6.48 -16.42
CA PRO A 23 1.66 -5.66 -16.68
C PRO A 23 2.93 -6.49 -16.57
N THR A 24 3.84 -6.36 -17.54
CA THR A 24 5.03 -7.20 -17.53
C THR A 24 6.15 -6.65 -16.64
N GLY A 25 6.03 -5.40 -16.20
CA GLY A 25 7.00 -4.82 -15.26
C GLY A 25 6.39 -3.70 -14.44
N GLU A 26 6.93 -3.51 -13.25
CA GLU A 26 6.54 -2.37 -12.42
C GLU A 26 7.70 -2.08 -11.48
N PHE A 27 7.96 -0.80 -11.22
CA PHE A 27 9.04 -0.34 -10.34
C PHE A 27 8.51 0.83 -9.56
N MET A 28 8.39 0.69 -8.24
CA MET A 28 7.80 1.74 -7.40
C MET A 28 8.52 1.86 -6.07
N PHE A 29 8.26 2.98 -5.37
CA PHE A 29 8.78 3.21 -4.01
C PHE A 29 7.61 3.58 -3.12
N GLU A 30 7.53 2.94 -1.94
CA GLU A 30 6.49 3.24 -0.96
C GLU A 30 7.15 3.65 0.34
N PHE A 31 6.46 4.55 1.04
CA PHE A 31 6.86 5.00 2.36
C PHE A 31 5.69 4.72 3.29
N ASP A 32 5.95 3.89 4.31
CA ASP A 32 4.91 3.46 5.25
C ASP A 32 3.68 2.94 4.50
N GLU A 33 3.93 2.12 3.51
CA GLU A 33 2.93 1.39 2.72
C GLU A 33 2.12 2.25 1.75
N ASP A 34 2.46 3.53 1.54
CA ASP A 34 1.81 4.34 0.51
C ASP A 34 2.77 4.58 -0.64
N GLU A 35 2.30 4.41 -1.88
CA GLU A 35 3.20 4.52 -3.03
C GLU A 35 3.50 5.99 -3.29
N GLN A 36 4.79 6.35 -3.23
CA GLN A 36 5.26 7.74 -3.36
C GLN A 36 5.61 8.08 -4.80
N PHE A 37 6.26 7.16 -5.52
CA PHE A 37 6.54 7.37 -6.93
C PHE A 37 6.73 6.01 -7.58
N TYR A 38 6.61 5.98 -8.90
CA TYR A 38 7.00 4.82 -9.70
C TYR A 38 7.70 5.33 -10.95
N VAL A 39 8.33 4.43 -11.68
CA VAL A 39 8.90 4.78 -12.99
C VAL A 39 7.97 4.19 -14.04
N ASP A 40 7.41 5.06 -14.85
CA ASP A 40 6.66 4.59 -16.01
C ASP A 40 7.67 3.99 -16.98
N LEU A 41 7.61 2.67 -17.17
CA LEU A 41 8.65 2.00 -17.94
C LEU A 41 8.50 2.27 -19.44
N ASP A 42 7.27 2.56 -19.89
CA ASP A 42 7.06 2.89 -21.29
C ASP A 42 7.59 4.29 -21.60
N LYS A 43 7.16 5.29 -20.82
CA LYS A 43 7.60 6.67 -21.08
C LYS A 43 8.98 6.97 -20.55
N LYS A 44 9.57 6.07 -19.75
CA LYS A 44 10.88 6.29 -19.12
C LYS A 44 10.89 7.59 -18.31
N GLU A 45 9.88 7.75 -17.46
CA GLU A 45 9.79 8.95 -16.66
C GLU A 45 9.28 8.60 -15.27
N THR A 46 9.78 9.33 -14.27
CA THR A 46 9.38 9.14 -12.87
C THR A 46 8.06 9.88 -12.63
N VAL A 47 7.11 9.21 -11.95
CA VAL A 47 5.77 9.73 -11.74
C VAL A 47 5.53 9.78 -10.24
N TRP A 48 5.36 10.99 -9.69
CA TRP A 48 5.15 11.19 -8.26
C TRP A 48 3.65 11.17 -7.94
N HIS A 49 3.32 10.62 -6.77
CA HIS A 49 1.90 10.42 -6.46
C HIS A 49 1.21 11.74 -6.17
N LEU A 50 1.88 12.65 -5.46
CA LEU A 50 1.32 13.92 -5.07
C LEU A 50 2.25 15.04 -5.52
N GLU A 51 1.67 16.22 -5.71
CA GLU A 51 2.47 17.39 -6.04
C GLU A 51 3.47 17.72 -4.93
N GLU A 52 3.07 17.52 -3.67
CA GLU A 52 3.95 17.68 -2.51
C GLU A 52 5.31 17.00 -2.73
N PHE A 53 5.29 15.81 -3.36
CA PHE A 53 6.50 15.02 -3.60
C PHE A 53 7.22 15.48 -4.86
N GLY A 54 6.46 15.68 -5.93
CA GLY A 54 7.07 16.08 -7.19
C GLY A 54 7.83 17.39 -7.14
N ARG A 55 7.36 18.35 -6.33
CA ARG A 55 8.08 19.62 -6.22
C ARG A 55 9.34 19.52 -5.39
N ALA A 56 9.41 18.57 -4.47
CA ALA A 56 10.55 18.48 -3.56
C ALA A 56 11.60 17.49 -4.02
N PHE A 57 11.19 16.43 -4.70
CA PHE A 57 12.03 15.26 -4.94
C PHE A 57 12.23 15.02 -6.43
N SER A 58 13.31 14.29 -6.71
CA SER A 58 13.55 13.75 -8.04
C SER A 58 14.15 12.36 -7.91
N PHE A 59 14.04 11.57 -8.98
CA PHE A 59 14.61 10.23 -9.01
C PHE A 59 14.92 9.92 -10.46
N GLU A 60 16.17 9.56 -10.74
CA GLU A 60 16.56 9.31 -12.13
C GLU A 60 15.88 8.05 -12.63
N ALA A 61 15.02 8.19 -13.64
CA ALA A 61 14.20 7.07 -14.09
C ALA A 61 15.06 5.92 -14.58
N GLN A 62 16.26 6.22 -15.10
CA GLN A 62 17.10 5.13 -15.57
C GLN A 62 17.40 4.13 -14.47
N GLY A 63 17.43 4.58 -13.20
CA GLY A 63 17.59 3.65 -12.10
C GLY A 63 16.49 2.61 -12.03
N GLY A 64 15.27 2.99 -12.40
CA GLY A 64 14.19 2.01 -12.45
C GLY A 64 14.31 1.06 -13.62
N LEU A 65 14.57 1.59 -14.81
CA LEU A 65 14.78 0.79 -16.00
C LEU A 65 15.94 -0.20 -15.84
N ALA A 66 17.07 0.26 -15.30
CA ALA A 66 18.20 -0.65 -15.07
C ALA A 66 17.81 -1.78 -14.13
N ASN A 67 17.10 -1.46 -13.04
CA ASN A 67 16.70 -2.55 -12.14
C ASN A 67 15.74 -3.51 -12.79
N ILE A 68 14.81 -3.03 -13.61
CA ILE A 68 13.86 -3.93 -14.28
C ILE A 68 14.60 -4.86 -15.25
N ALA A 69 15.64 -4.35 -15.92
CA ALA A 69 16.41 -5.21 -16.81
C ALA A 69 17.08 -6.33 -16.04
N ILE A 70 17.58 -6.02 -14.84
CA ILE A 70 18.18 -7.04 -14.00
C ILE A 70 17.12 -8.07 -13.58
N LEU A 71 15.95 -7.60 -13.17
CA LEU A 71 14.92 -8.54 -12.77
C LEU A 71 14.48 -9.44 -13.93
N ASN A 72 14.36 -8.88 -15.13
CA ASN A 72 13.94 -9.71 -16.27
C ASN A 72 14.96 -10.81 -16.53
N ASN A 73 16.24 -10.47 -16.46
CA ASN A 73 17.25 -11.50 -16.60
CA ASN A 73 17.29 -11.48 -16.57
C ASN A 73 17.16 -12.52 -15.47
N ASN A 74 16.91 -12.05 -14.23
CA ASN A 74 16.82 -13.00 -13.12
C ASN A 74 15.58 -13.89 -13.28
N LEU A 75 14.48 -13.34 -13.80
CA LEU A 75 13.29 -14.16 -14.05
C LEU A 75 13.61 -15.31 -15.00
N ASN A 76 14.30 -15.00 -16.10
CA ASN A 76 14.68 -16.04 -17.06
C ASN A 76 15.51 -17.14 -16.38
N THR A 77 16.44 -16.77 -15.50
CA THR A 77 17.21 -17.76 -14.77
C THR A 77 16.32 -18.63 -13.88
N LEU A 78 15.37 -18.02 -13.16
CA LEU A 78 14.61 -18.78 -12.17
C LEU A 78 13.58 -19.69 -12.84
N ILE A 79 13.07 -19.30 -14.01
CA ILE A 79 12.23 -20.20 -14.78
C ILE A 79 12.98 -21.50 -15.08
N GLN A 80 14.26 -21.39 -15.42
CA GLN A 80 15.05 -22.60 -15.66
C GLN A 80 15.34 -23.33 -14.35
N ARG A 81 15.85 -22.62 -13.33
CA ARG A 81 16.23 -23.30 -12.09
C ARG A 81 15.02 -23.97 -11.43
N SER A 82 13.82 -23.43 -11.62
CA SER A 82 12.64 -24.00 -10.97
C SER A 82 11.98 -25.08 -11.82
N ASN A 83 12.53 -25.40 -12.99
CA ASN A 83 11.89 -26.32 -13.91
C ASN A 83 10.49 -25.82 -14.27
N HIS A 84 10.43 -24.55 -14.65
CA HIS A 84 9.19 -23.90 -15.07
C HIS A 84 8.06 -24.07 -14.06
N THR A 85 8.36 -23.77 -12.80
CA THR A 85 7.34 -23.83 -11.75
C THR A 85 6.46 -22.58 -11.82
N GLN A 86 5.17 -22.77 -12.09
CA GLN A 86 4.18 -21.70 -12.05
C GLN A 86 3.40 -21.79 -10.75
N ALA A 87 3.16 -20.64 -10.11
CA ALA A 87 2.53 -20.67 -8.80
C ALA A 87 1.03 -20.83 -8.90
N ALA A 88 0.45 -21.35 -7.82
CA ALA A 88 -1.00 -21.43 -7.69
C ALA A 88 -1.60 -20.03 -7.72
N ASN A 89 -2.80 -19.91 -8.27
CA ASN A 89 -3.48 -18.62 -8.26
C ASN A 89 -4.10 -18.42 -6.89
N ASP A 90 -3.88 -17.24 -6.32
CA ASP A 90 -4.50 -16.87 -5.07
C ASP A 90 -5.58 -15.84 -5.36
N PRO A 91 -6.84 -16.17 -5.12
CA PRO A 91 -7.93 -15.30 -5.55
C PRO A 91 -8.04 -14.09 -4.64
N PRO A 92 -8.58 -12.98 -5.16
CA PRO A 92 -8.65 -11.74 -4.38
C PRO A 92 -9.80 -11.71 -3.38
N GLU A 93 -9.59 -10.94 -2.31
CA GLU A 93 -10.64 -10.49 -1.41
C GLU A 93 -11.01 -9.07 -1.82
N VAL A 94 -12.30 -8.72 -1.83
CA VAL A 94 -12.70 -7.42 -2.35
C VAL A 94 -13.60 -6.71 -1.35
N THR A 95 -13.34 -5.41 -1.15
CA THR A 95 -14.09 -4.58 -0.23
C THR A 95 -14.38 -3.24 -0.90
N VAL A 96 -15.60 -2.72 -0.72
CA VAL A 96 -15.99 -1.45 -1.31
C VAL A 96 -16.46 -0.54 -0.18
N PHE A 97 -15.96 0.70 -0.18
CA PHE A 97 -16.31 1.63 0.91
C PHE A 97 -16.11 3.05 0.41
N PRO A 98 -16.89 4.02 0.92
CA PRO A 98 -16.75 5.40 0.46
C PRO A 98 -15.62 6.12 1.20
N LYS A 99 -15.12 7.16 0.55
CA LYS A 99 -14.02 7.96 1.13
C LYS A 99 -14.53 8.86 2.23
N GLU A 100 -15.69 9.47 2.00
CA GLU A 100 -16.27 10.42 2.93
C GLU A 100 -17.58 9.89 3.47
N PRO A 101 -18.03 10.39 4.62
CA PRO A 101 -19.40 10.10 5.07
C PRO A 101 -20.41 10.20 3.93
N VAL A 102 -21.34 9.25 3.85
CA VAL A 102 -22.28 9.25 2.73
C VAL A 102 -23.39 10.24 3.03
N GLU A 103 -23.52 11.26 2.19
CA GLU A 103 -24.59 12.24 2.26
C GLU A 103 -25.28 12.29 0.90
N LEU A 104 -26.57 11.95 0.89
CA LEU A 104 -27.29 11.98 -0.38
C LEU A 104 -27.13 13.32 -1.06
N GLY A 105 -26.82 13.29 -2.35
CA GLY A 105 -26.70 14.49 -3.12
C GLY A 105 -25.37 15.20 -3.03
N GLN A 106 -24.44 14.69 -2.22
CA GLN A 106 -23.14 15.31 -2.00
C GLN A 106 -22.02 14.49 -2.67
N PRO A 107 -21.13 15.13 -3.43
CA PRO A 107 -20.10 14.38 -4.15
C PRO A 107 -19.25 13.53 -3.21
N ASN A 108 -18.82 12.37 -3.70
CA ASN A 108 -18.07 11.43 -2.88
C ASN A 108 -17.17 10.61 -3.79
N THR A 109 -16.43 9.68 -3.20
CA THR A 109 -15.54 8.80 -3.94
C THR A 109 -15.74 7.40 -3.41
N LEU A 110 -16.06 6.46 -4.28
CA LEU A 110 -16.20 5.07 -3.85
C LEU A 110 -14.85 4.39 -4.12
N ILE A 111 -14.45 3.54 -3.18
CA ILE A 111 -13.14 2.86 -3.23
C ILE A 111 -13.37 1.38 -3.23
N CYS A 112 -12.73 0.69 -4.19
CA CYS A 112 -12.74 -0.75 -4.23
C CYS A 112 -11.34 -1.21 -3.91
N HIS A 113 -11.18 -1.95 -2.81
CA HIS A 113 -9.86 -2.45 -2.44
C HIS A 113 -9.82 -3.95 -2.72
N ILE A 114 -8.91 -4.34 -3.62
CA ILE A 114 -8.72 -5.73 -4.04
C ILE A 114 -7.41 -6.23 -3.45
N ASP A 115 -7.46 -7.35 -2.72
CA ASP A 115 -6.40 -7.71 -1.78
C ASP A 115 -6.04 -9.18 -1.84
N ARG A 116 -4.77 -9.46 -1.52
CA ARG A 116 -4.25 -10.81 -1.24
C ARG A 116 -4.29 -11.72 -2.44
N PHE A 117 -4.13 -11.17 -3.63
CA PHE A 117 -4.15 -11.95 -4.87
C PHE A 117 -2.79 -12.09 -5.51
N PHE A 118 -2.68 -13.14 -6.32
CA PHE A 118 -1.47 -13.45 -7.05
C PHE A 118 -1.88 -14.37 -8.21
N PRO A 119 -1.31 -14.22 -9.42
CA PRO A 119 -0.31 -13.23 -9.85
C PRO A 119 -0.95 -11.88 -10.04
N PRO A 120 -0.14 -10.86 -10.32
CA PRO A 120 -0.68 -9.50 -10.46
C PRO A 120 -1.22 -9.31 -11.86
N VAL A 121 -2.32 -10.04 -12.13
CA VAL A 121 -3.04 -9.98 -13.40
C VAL A 121 -4.51 -9.88 -13.04
N LEU A 122 -5.16 -8.80 -13.47
CA LEU A 122 -6.45 -8.44 -12.89
C LEU A 122 -7.24 -7.59 -13.86
N ASN A 123 -8.57 -7.81 -13.89
CA ASN A 123 -9.50 -6.93 -14.59
C ASN A 123 -10.47 -6.40 -13.57
N VAL A 124 -10.72 -5.09 -13.59
CA VAL A 124 -11.66 -4.48 -12.65
C VAL A 124 -12.56 -3.51 -13.41
N THR A 125 -13.87 -3.57 -13.12
CA THR A 125 -14.82 -2.67 -13.74
C THR A 125 -15.79 -2.20 -12.67
N TRP A 126 -16.10 -0.90 -12.67
CA TRP A 126 -17.18 -0.37 -11.83
C TRP A 126 -18.51 -0.56 -12.55
N LEU A 127 -19.52 -1.02 -11.82
CA LEU A 127 -20.88 -1.11 -12.34
C LEU A 127 -21.79 -0.26 -11.48
N CYS A 128 -22.77 0.37 -12.13
CA CYS A 128 -23.85 1.09 -11.46
C CYS A 128 -25.14 0.59 -12.06
N ASN A 129 -25.98 -0.03 -11.23
CA ASN A 129 -27.23 -0.63 -11.71
C ASN A 129 -26.98 -1.59 -12.88
N GLY A 130 -25.90 -2.37 -12.76
CA GLY A 130 -25.58 -3.41 -13.73
C GLY A 130 -24.75 -2.97 -14.90
N GLU A 131 -24.49 -1.68 -15.06
CA GLU A 131 -23.83 -1.15 -16.24
C GLU A 131 -22.50 -0.49 -15.91
N PRO A 132 -21.46 -0.75 -16.71
CA PRO A 132 -20.14 -0.18 -16.42
C PRO A 132 -20.19 1.33 -16.36
N VAL A 133 -19.50 1.87 -15.36
CA VAL A 133 -19.21 3.30 -15.30
C VAL A 133 -17.78 3.44 -15.80
N THR A 134 -17.57 4.35 -16.77
CA THR A 134 -16.26 4.52 -17.38
C THR A 134 -15.66 5.90 -17.16
N GLU A 135 -16.44 6.84 -16.61
CA GLU A 135 -15.97 8.19 -16.37
C GLU A 135 -15.77 8.41 -14.89
N GLY A 136 -14.80 9.25 -14.56
CA GLY A 136 -14.56 9.56 -13.15
C GLY A 136 -13.93 8.42 -12.40
N VAL A 137 -13.13 7.58 -13.07
CA VAL A 137 -12.51 6.42 -12.44
C VAL A 137 -11.00 6.59 -12.41
N ALA A 138 -10.37 5.95 -11.43
CA ALA A 138 -8.91 5.95 -11.34
C ALA A 138 -8.48 4.68 -10.60
N GLU A 139 -7.17 4.46 -10.56
CA GLU A 139 -6.70 3.23 -9.94
C GLU A 139 -5.26 3.41 -9.49
N SER A 140 -4.86 2.54 -8.56
CA SER A 140 -3.47 2.48 -8.13
C SER A 140 -2.69 1.53 -9.02
N LEU A 141 -1.40 1.44 -8.74
CA LEU A 141 -0.55 0.39 -9.26
C LEU A 141 -0.94 -0.94 -8.63
N PHE A 142 -0.32 -2.02 -9.11
CA PHE A 142 -0.34 -3.26 -8.36
C PHE A 142 0.64 -3.10 -7.19
N LEU A 143 0.11 -3.01 -5.98
CA LEU A 143 0.90 -2.70 -4.80
C LEU A 143 1.34 -3.96 -4.08
N PRO A 144 2.56 -3.96 -3.56
CA PRO A 144 3.10 -5.17 -2.93
C PRO A 144 2.53 -5.42 -1.55
N ARG A 145 2.57 -6.68 -1.16
CA ARG A 145 2.26 -7.07 0.19
C ARG A 145 3.48 -7.79 0.74
N THR A 146 3.61 -7.78 2.07
CA THR A 146 4.78 -8.44 2.65
C THR A 146 4.74 -9.95 2.46
N ASP A 147 3.59 -10.53 2.10
CA ASP A 147 3.54 -11.95 1.81
C ASP A 147 3.63 -12.20 0.30
N TYR A 148 4.05 -11.19 -0.47
CA TYR A 148 4.34 -11.24 -1.91
C TYR A 148 3.11 -11.50 -2.77
N SER A 149 1.91 -11.45 -2.17
CA SER A 149 0.73 -11.25 -3.00
C SER A 149 0.58 -9.77 -3.30
N PHE A 150 -0.53 -9.38 -3.94
CA PHE A 150 -0.74 -7.99 -4.30
C PHE A 150 -2.05 -7.43 -3.78
N HIS A 151 -2.13 -6.10 -3.80
CA HIS A 151 -3.41 -5.43 -3.60
C HIS A 151 -3.46 -4.22 -4.54
N LYS A 152 -4.65 -3.63 -4.64
CA LYS A 152 -4.91 -2.61 -5.62
C LYS A 152 -6.13 -1.82 -5.18
N PHE A 153 -6.15 -0.54 -5.51
CA PHE A 153 -7.29 0.32 -5.22
C PHE A 153 -7.88 0.82 -6.51
N HIS A 154 -9.20 0.79 -6.60
CA HIS A 154 -9.91 1.47 -7.67
C HIS A 154 -10.86 2.50 -7.06
N TYR A 155 -11.07 3.59 -7.80
CA TYR A 155 -11.79 4.76 -7.34
C TYR A 155 -12.85 5.14 -8.37
N LEU A 156 -13.99 5.61 -7.86
CA LEU A 156 -15.07 6.14 -8.69
C LEU A 156 -15.68 7.35 -8.00
N THR A 157 -15.62 8.51 -8.67
CA THR A 157 -16.40 9.67 -8.24
C THR A 157 -17.89 9.40 -8.44
N PHE A 158 -18.71 9.71 -7.44
CA PHE A 158 -20.13 9.44 -7.57
C PHE A 158 -20.91 10.34 -6.64
N VAL A 159 -22.20 10.48 -6.93
CA VAL A 159 -23.14 11.23 -6.10
C VAL A 159 -24.09 10.22 -5.46
N PRO A 160 -24.08 10.07 -4.14
CA PRO A 160 -24.86 8.98 -3.54
C PRO A 160 -26.35 9.24 -3.70
N SER A 161 -27.10 8.15 -3.73
CA SER A 161 -28.53 8.18 -4.00
C SER A 161 -29.16 6.91 -3.43
N ALA A 162 -30.37 7.04 -2.90
CA ALA A 162 -31.01 5.88 -2.24
C ALA A 162 -31.22 4.74 -3.23
N GLU A 163 -31.39 5.07 -4.50
CA GLU A 163 -31.74 4.05 -5.50
C GLU A 163 -30.54 3.19 -5.87
N ASP A 164 -29.43 3.83 -6.24
CA ASP A 164 -28.37 3.17 -7.02
C ASP A 164 -27.68 2.04 -6.27
N VAL A 165 -27.38 0.97 -7.02
CA VAL A 165 -26.57 -0.14 -6.54
C VAL A 165 -25.27 -0.16 -7.34
N TYR A 166 -24.15 -0.28 -6.65
CA TYR A 166 -22.85 -0.30 -7.29
C TYR A 166 -22.24 -1.68 -7.17
N ASP A 167 -21.34 -1.98 -8.09
CA ASP A 167 -20.55 -3.19 -8.00
C ASP A 167 -19.13 -2.85 -8.38
N CYS A 168 -18.20 -3.46 -7.68
CA CYS A 168 -16.83 -3.55 -8.14
C CYS A 168 -16.69 -4.97 -8.66
N ARG A 169 -16.59 -5.11 -9.98
CA ARG A 169 -16.51 -6.40 -10.64
C ARG A 169 -15.06 -6.74 -10.96
N VAL A 170 -14.61 -7.89 -10.44
CA VAL A 170 -13.19 -8.25 -10.43
C VAL A 170 -13.01 -9.60 -11.13
N GLU A 171 -12.03 -9.66 -12.03
CA GLU A 171 -11.70 -10.87 -12.79
C GLU A 171 -10.28 -11.28 -12.44
N HIS A 172 -10.09 -12.53 -12.03
CA HIS A 172 -8.77 -13.05 -11.69
C HIS A 172 -8.74 -14.55 -11.91
N TRP A 173 -7.55 -15.06 -12.28
CA TRP A 173 -7.42 -16.47 -12.65
C TRP A 173 -7.75 -17.39 -11.49
N GLY A 174 -7.71 -16.89 -10.27
CA GLY A 174 -8.03 -17.71 -9.12
C GLY A 174 -9.52 -17.83 -8.85
N LEU A 175 -10.34 -17.17 -9.66
CA LEU A 175 -11.79 -17.12 -9.46
C LEU A 175 -12.50 -18.02 -10.48
N ASP A 176 -13.53 -18.73 -10.00
CA ASP A 176 -14.37 -19.58 -10.87
C ASP A 176 -15.23 -18.76 -11.81
N GLN A 177 -15.54 -17.52 -11.43
CA GLN A 177 -16.32 -16.59 -12.24
C GLN A 177 -16.03 -15.19 -11.74
N PRO A 178 -16.29 -14.17 -12.55
CA PRO A 178 -16.07 -12.79 -12.08
C PRO A 178 -16.73 -12.57 -10.72
N LEU A 179 -16.04 -11.80 -9.89
CA LEU A 179 -16.49 -11.48 -8.54
C LEU A 179 -17.15 -10.10 -8.54
N LEU A 180 -18.39 -10.04 -8.06
CA LEU A 180 -19.13 -8.78 -7.99
C LEU A 180 -19.37 -8.44 -6.52
N LYS A 181 -18.70 -7.40 -6.04
CA LYS A 181 -18.87 -6.92 -4.67
C LYS A 181 -19.84 -5.76 -4.68
N HIS A 182 -21.01 -5.95 -4.08
CA HIS A 182 -22.07 -4.95 -4.13
C HIS A 182 -21.90 -3.87 -3.05
N TRP A 183 -22.34 -2.66 -3.38
CA TRP A 183 -22.39 -1.58 -2.41
C TRP A 183 -23.59 -0.68 -2.69
N GLU A 184 -24.31 -0.33 -1.63
CA GLU A 184 -25.43 0.61 -1.75
C GLU A 184 -25.39 1.56 -0.56
N ALA A 185 -25.84 2.79 -0.78
CA ALA A 185 -25.73 3.81 0.27
C ALA A 185 -26.46 3.41 1.55
N GLN A 186 -27.27 2.34 1.50
CA GLN A 186 -27.97 1.86 2.69
C GLN A 186 -28.77 2.97 3.35
N THR B 5 -4.93 -22.40 -16.48
CA THR B 5 -4.69 -20.96 -16.60
C THR B 5 -3.51 -20.68 -17.51
N PRO B 6 -3.45 -19.48 -18.07
CA PRO B 6 -2.35 -19.14 -18.98
C PRO B 6 -0.99 -19.31 -18.33
N GLU B 7 0.02 -19.56 -19.18
CA GLU B 7 1.39 -19.72 -18.69
C GLU B 7 1.91 -18.39 -18.18
N ASN B 8 2.43 -18.38 -16.96
CA ASN B 8 2.83 -17.11 -16.37
C ASN B 8 3.87 -17.34 -15.29
N TYR B 9 4.94 -16.56 -15.36
CA TYR B 9 6.00 -16.60 -14.35
C TYR B 9 6.26 -15.20 -13.84
N VAL B 10 6.51 -15.08 -12.53
CA VAL B 10 6.67 -13.79 -11.88
C VAL B 10 7.99 -13.75 -11.11
N TYR B 11 8.66 -12.60 -11.14
CA TYR B 11 9.84 -12.39 -10.30
C TYR B 11 9.73 -11.04 -9.61
N GLN B 12 9.96 -11.00 -8.32
CA GLN B 12 9.83 -9.78 -7.54
C GLN B 12 11.14 -9.45 -6.84
N GLY B 13 11.40 -8.15 -6.67
CA GLY B 13 12.50 -7.72 -5.85
C GLY B 13 12.02 -6.65 -4.89
N ARG B 14 12.65 -6.62 -3.71
CA ARG B 14 12.33 -5.62 -2.70
C ARG B 14 13.62 -5.09 -2.13
N GLN B 15 13.65 -3.78 -1.89
CA GLN B 15 14.74 -3.13 -1.17
C GLN B 15 14.11 -2.31 -0.06
N GLU B 16 14.24 -2.81 1.17
CA GLU B 16 13.46 -2.34 2.32
C GLU B 16 14.40 -1.69 3.32
N CYS B 17 14.04 -0.50 3.77
CA CYS B 17 14.80 0.23 4.79
C CYS B 17 13.92 0.40 6.01
N TYR B 18 14.35 -0.15 7.17
CA TYR B 18 13.59 -0.06 8.41
C TYR B 18 14.25 0.97 9.32
N ALA B 19 13.57 2.09 9.53
CA ALA B 19 14.04 3.15 10.41
C ALA B 19 13.47 2.97 11.80
N PHE B 20 14.35 2.88 12.80
CA PHE B 20 13.88 2.72 14.18
C PHE B 20 14.86 3.38 15.13
N ASN B 21 14.39 4.38 15.87
CA ASN B 21 15.18 4.96 16.96
C ASN B 21 16.62 5.24 16.53
N GLY B 22 16.75 5.96 15.41
CA GLY B 22 18.03 6.37 14.89
C GLY B 22 18.80 5.33 14.10
N THR B 23 18.29 4.09 13.99
CA THR B 23 19.00 3.05 13.26
C THR B 23 18.33 2.78 11.90
N GLN B 24 19.09 2.18 11.00
CA GLN B 24 18.59 1.81 9.68
C GLN B 24 18.98 0.36 9.44
N ARG B 25 17.99 -0.47 9.14
CA ARG B 25 18.24 -1.85 8.77
C ARG B 25 17.74 -2.08 7.36
N PHE B 26 18.57 -2.71 6.55
CA PHE B 26 18.32 -2.87 5.11
C PHE B 26 18.11 -4.35 4.83
N LEU B 27 17.01 -4.66 4.12
CA LEU B 27 16.79 -5.99 3.57
C LEU B 27 16.60 -5.89 2.06
N GLU B 28 17.28 -6.75 1.32
CA GLU B 28 17.07 -6.85 -0.12
C GLU B 28 16.58 -8.26 -0.36
N ARG B 29 15.40 -8.39 -0.99
CA ARG B 29 14.74 -9.69 -1.11
C ARG B 29 14.57 -10.06 -2.56
N TYR B 30 14.86 -11.32 -2.89
CA TYR B 30 14.71 -11.84 -4.24
C TYR B 30 13.64 -12.93 -4.18
N ILE B 31 12.62 -12.81 -5.02
CA ILE B 31 11.40 -13.60 -4.88
C ILE B 31 11.01 -14.17 -6.24
N TYR B 32 10.79 -15.47 -6.28
CA TYR B 32 10.29 -16.14 -7.48
C TYR B 32 8.86 -16.54 -7.20
N ASN B 33 7.93 -16.06 -8.02
CA ASN B 33 6.50 -16.13 -7.77
C ASN B 33 6.22 -15.49 -6.41
N ARG B 34 5.87 -16.28 -5.38
CA ARG B 34 5.74 -15.78 -4.02
C ARG B 34 6.74 -16.43 -3.07
N GLU B 35 7.80 -17.02 -3.60
CA GLU B 35 8.79 -17.70 -2.77
C GLU B 35 9.98 -16.78 -2.64
N GLU B 36 10.11 -16.10 -1.50
CA GLU B 36 11.38 -15.46 -1.21
C GLU B 36 12.46 -16.53 -1.17
N TYR B 37 13.48 -16.40 -2.00
CA TYR B 37 14.46 -17.46 -2.08
C TYR B 37 15.86 -17.06 -1.70
N ALA B 38 16.15 -15.76 -1.62
CA ALA B 38 17.44 -15.25 -1.17
C ALA B 38 17.26 -13.83 -0.66
N ARG B 39 18.11 -13.42 0.27
CA ARG B 39 17.99 -12.08 0.84
C ARG B 39 19.32 -11.64 1.42
N PHE B 40 19.49 -10.33 1.45
CA PHE B 40 20.55 -9.70 2.22
C PHE B 40 19.91 -8.92 3.36
N ASP B 41 20.40 -9.11 4.59
CA ASP B 41 19.90 -8.42 5.78
C ASP B 41 21.10 -7.77 6.44
N SER B 42 21.08 -6.44 6.57
CA SER B 42 22.26 -5.78 7.10
C SER B 42 22.55 -6.21 8.54
N ASP B 43 21.53 -6.63 9.30
CA ASP B 43 21.79 -7.20 10.63
C ASP B 43 22.66 -8.45 10.52
N VAL B 44 22.60 -9.13 9.38
CA VAL B 44 23.31 -10.37 9.16
C VAL B 44 24.65 -10.14 8.48
N GLY B 45 24.71 -9.25 7.48
CA GLY B 45 25.95 -8.83 6.87
C GLY B 45 26.35 -9.58 5.61
N GLU B 46 25.56 -10.55 5.17
CA GLU B 46 25.82 -11.27 3.94
C GLU B 46 24.50 -11.79 3.42
N PHE B 47 24.54 -12.35 2.20
CA PHE B 47 23.36 -12.97 1.65
C PHE B 47 23.09 -14.31 2.35
N ARG B 48 21.82 -14.65 2.46
CA ARG B 48 21.42 -15.98 2.89
C ARG B 48 20.44 -16.57 1.89
N ALA B 49 20.55 -17.88 1.65
CA ALA B 49 19.52 -18.58 0.91
C ALA B 49 18.31 -18.77 1.81
N VAL B 50 17.16 -18.30 1.35
CA VAL B 50 15.95 -18.48 2.15
C VAL B 50 15.34 -19.86 1.90
N THR B 51 15.49 -20.37 0.68
CA THR B 51 15.08 -21.71 0.29
C THR B 51 16.20 -22.33 -0.55
N GLU B 52 16.01 -23.60 -0.88
CA GLU B 52 16.98 -24.33 -1.70
C GLU B 52 17.29 -23.60 -3.01
N LEU B 53 16.26 -23.02 -3.65
CA LEU B 53 16.44 -22.24 -4.87
C LEU B 53 17.47 -21.14 -4.72
N GLY B 54 17.67 -20.64 -3.50
CA GLY B 54 18.64 -19.58 -3.31
C GLY B 54 20.07 -19.99 -3.05
N ARG B 55 20.33 -21.29 -2.87
CA ARG B 55 21.70 -21.70 -2.52
C ARG B 55 22.71 -21.30 -3.58
N PRO B 56 22.46 -21.50 -4.88
CA PRO B 56 23.44 -21.05 -5.88
C PRO B 56 23.69 -19.56 -5.84
N ALA B 57 22.62 -18.78 -5.62
CA ALA B 57 22.72 -17.32 -5.71
C ALA B 57 23.43 -16.76 -4.50
N ALA B 58 23.04 -17.19 -3.28
CA ALA B 58 23.73 -16.72 -2.09
C ALA B 58 25.22 -17.03 -2.18
N GLU B 59 25.56 -18.27 -2.57
CA GLU B 59 26.98 -18.66 -2.62
C GLU B 59 27.75 -17.76 -3.57
N TYR B 60 27.19 -17.56 -4.75
CA TYR B 60 27.85 -16.72 -5.75
C TYR B 60 27.93 -15.27 -5.30
N TRP B 61 26.81 -14.70 -4.85
CA TRP B 61 26.84 -13.31 -4.43
C TRP B 61 27.79 -13.10 -3.26
N ASN B 62 27.85 -14.07 -2.34
CA ASN B 62 28.71 -13.93 -1.19
C ASN B 62 30.18 -14.07 -1.56
N SER B 63 30.48 -14.56 -2.76
CA SER B 63 31.86 -14.65 -3.21
C SER B 63 32.35 -13.38 -3.90
N GLN B 64 31.46 -12.40 -4.12
CA GLN B 64 31.83 -11.15 -4.79
C GLN B 64 32.01 -10.05 -3.75
N LYS B 65 33.27 -9.78 -3.40
CA LYS B 65 33.53 -8.85 -2.30
C LYS B 65 32.92 -7.48 -2.56
N ASP B 66 32.94 -7.03 -3.81
CA ASP B 66 32.44 -5.68 -4.08
C ASP B 66 30.94 -5.62 -3.83
N ILE B 67 30.23 -6.71 -4.08
CA ILE B 67 28.79 -6.72 -3.82
C ILE B 67 28.51 -6.65 -2.32
N LEU B 68 29.26 -7.42 -1.52
CA LEU B 68 29.03 -7.37 -0.08
C LEU B 68 29.37 -5.99 0.47
N GLU B 69 30.48 -5.40 0.00
CA GLU B 69 30.84 -4.07 0.44
C GLU B 69 29.72 -3.07 0.14
N GLU B 70 29.19 -3.13 -1.09
CA GLU B 70 28.08 -2.24 -1.48
C GLU B 70 26.86 -2.45 -0.58
N LYS B 71 26.44 -3.71 -0.37
CA LYS B 71 25.23 -3.93 0.41
C LYS B 71 25.43 -3.58 1.88
N ARG B 72 26.63 -3.81 2.44
CA ARG B 72 26.84 -3.47 3.83
C ARG B 72 26.79 -1.96 4.04
N ALA B 73 27.12 -1.21 2.99
CA ALA B 73 27.07 0.26 3.04
C ALA B 73 25.67 0.82 2.81
N VAL B 74 24.71 0.01 2.36
CA VAL B 74 23.39 0.56 2.01
C VAL B 74 22.72 1.23 3.19
N PRO B 75 22.72 0.69 4.42
CA PRO B 75 22.05 1.37 5.51
C PRO B 75 22.47 2.82 5.64
N ASP B 76 23.78 3.07 5.60
CA ASP B 76 24.25 4.43 5.81
C ASP B 76 24.17 5.23 4.53
N ARG B 77 24.42 4.63 3.38
CA ARG B 77 24.56 5.43 2.17
C ARG B 77 23.24 5.68 1.47
N VAL B 78 22.33 4.72 1.49
CA VAL B 78 21.07 4.78 0.76
C VAL B 78 19.88 4.95 1.71
N CYS B 79 19.76 4.06 2.71
CA CYS B 79 18.60 4.13 3.61
C CYS B 79 18.59 5.45 4.39
N ARG B 80 19.73 5.79 5.02
CA ARG B 80 19.76 6.99 5.85
C ARG B 80 19.56 8.22 4.98
N HIS B 81 20.14 8.22 3.80
CA HIS B 81 20.02 9.36 2.91
C HIS B 81 18.57 9.59 2.55
N ASN B 82 17.90 8.54 2.04
CA ASN B 82 16.51 8.71 1.63
C ASN B 82 15.64 9.05 2.83
N TYR B 83 15.95 8.50 4.01
CA TYR B 83 15.14 8.80 5.18
C TYR B 83 15.25 10.27 5.56
N GLU B 84 16.47 10.84 5.51
CA GLU B 84 16.63 12.26 5.78
C GLU B 84 15.82 13.10 4.80
N LEU B 85 15.77 12.71 3.53
CA LEU B 85 14.93 13.43 2.57
C LEU B 85 13.45 13.30 2.95
N ASP B 86 13.02 12.10 3.29
CA ASP B 86 11.62 11.94 3.69
C ASP B 86 11.31 12.65 5.01
N GLU B 87 12.31 12.89 5.87
CA GLU B 87 12.08 13.71 7.06
C GLU B 87 11.74 15.15 6.71
N ALA B 88 12.26 15.63 5.58
CA ALA B 88 12.04 17.00 5.17
C ALA B 88 10.68 17.22 4.53
N VAL B 89 9.99 16.15 4.11
CA VAL B 89 8.79 16.31 3.32
C VAL B 89 7.72 15.35 3.81
N THR B 90 7.88 14.07 3.48
CA THR B 90 6.86 13.05 3.77
C THR B 90 6.46 13.05 5.25
N LEU B 91 7.44 13.10 6.13
CA LEU B 91 7.17 13.03 7.55
C LEU B 91 6.65 14.35 8.11
N GLN B 92 6.57 15.39 7.29
CA GLN B 92 5.92 16.63 7.67
C GLN B 92 4.53 16.76 7.09
N ARG B 93 4.09 15.77 6.30
CA ARG B 93 2.76 15.80 5.75
C ARG B 93 1.74 15.72 6.89
N ARG B 94 0.84 16.70 6.93
CA ARG B 94 -0.21 16.79 7.95
C ARG B 94 -1.51 17.12 7.27
N VAL B 95 -2.47 16.22 7.32
CA VAL B 95 -3.79 16.47 6.74
C VAL B 95 -4.78 16.27 7.87
N GLN B 96 -5.54 17.33 8.16
CA GLN B 96 -6.34 17.33 9.39
C GLN B 96 -7.61 16.48 9.24
N PRO B 97 -7.94 15.67 10.24
CA PRO B 97 -9.16 14.85 10.15
C PRO B 97 -10.43 15.69 10.10
N LYS B 98 -11.40 15.23 9.30
CA LYS B 98 -12.78 15.66 9.35
C LYS B 98 -13.56 14.69 10.22
N VAL B 99 -14.52 15.20 10.98
CA VAL B 99 -15.20 14.36 11.97
C VAL B 99 -16.71 14.51 11.78
N ASN B 100 -17.41 13.39 11.68
CA ASN B 100 -18.86 13.37 11.54
C ASN B 100 -19.42 12.34 12.50
N VAL B 101 -20.53 12.67 13.18
CA VAL B 101 -21.18 11.71 14.06
C VAL B 101 -22.58 11.47 13.51
N SER B 102 -22.97 10.21 13.43
CA SER B 102 -24.32 9.87 12.97
C SER B 102 -24.75 8.58 13.64
N PRO B 103 -26.03 8.41 13.90
CA PRO B 103 -26.49 7.17 14.52
C PRO B 103 -26.64 6.07 13.50
N SER B 104 -26.59 4.83 14.00
CA SER B 104 -26.88 3.65 13.21
C SER B 104 -27.92 2.82 13.93
N ASN B 113 -28.02 -0.34 19.11
CA ASN B 113 -27.95 1.05 18.67
C ASN B 113 -26.51 1.54 18.74
N LEU B 114 -26.04 2.16 17.68
CA LEU B 114 -24.67 2.67 17.66
C LEU B 114 -24.65 4.15 17.30
N LEU B 115 -23.69 4.86 17.88
CA LEU B 115 -23.32 6.19 17.41
C LEU B 115 -21.99 6.05 16.71
N VAL B 116 -21.90 6.53 15.48
CA VAL B 116 -20.71 6.36 14.64
C VAL B 116 -19.94 7.67 14.61
N CYS B 117 -18.69 7.62 15.07
CA CYS B 117 -17.77 8.73 14.88
C CYS B 117 -16.93 8.39 13.67
N HIS B 118 -17.22 9.05 12.55
CA HIS B 118 -16.54 8.75 11.29
C HIS B 118 -15.49 9.82 11.07
N VAL B 119 -14.22 9.41 11.12
CA VAL B 119 -13.09 10.35 11.02
C VAL B 119 -12.44 10.10 9.69
N THR B 120 -12.36 11.14 8.85
CA THR B 120 -11.93 10.93 7.46
C THR B 120 -10.81 11.85 7.02
N ASP B 121 -10.09 11.37 5.99
CA ASP B 121 -9.15 12.17 5.21
C ASP B 121 -8.03 12.75 6.06
N PHE B 122 -7.36 11.90 6.84
CA PHE B 122 -6.26 12.43 7.64
C PHE B 122 -4.95 11.71 7.33
N TYR B 123 -3.83 12.39 7.69
CA TYR B 123 -2.50 11.84 7.51
C TYR B 123 -1.62 12.58 8.50
N PRO B 124 -0.71 11.90 9.21
CA PRO B 124 -0.44 10.44 9.16
C PRO B 124 -1.48 9.60 9.88
N GLY B 125 -1.22 8.30 9.93
CA GLY B 125 -2.26 7.38 10.40
C GLY B 125 -2.48 7.34 11.88
N SER B 126 -1.48 7.69 12.69
CA SER B 126 -1.63 7.64 14.15
C SER B 126 -2.69 8.65 14.61
N ILE B 127 -3.66 8.19 15.38
CA ILE B 127 -4.78 9.04 15.77
C ILE B 127 -5.40 8.45 17.02
N GLN B 128 -6.03 9.29 17.82
CA GLN B 128 -6.71 8.81 19.02
C GLN B 128 -8.12 9.35 18.94
N VAL B 129 -9.10 8.44 18.97
CA VAL B 129 -10.52 8.79 18.88
C VAL B 129 -11.19 8.26 20.14
N ARG B 130 -11.82 9.15 20.91
CA ARG B 130 -12.41 8.72 22.17
C ARG B 130 -13.85 9.21 22.26
N TRP B 131 -14.68 8.38 22.91
CA TRP B 131 -16.08 8.72 23.17
C TRP B 131 -16.30 9.11 24.62
N PHE B 132 -17.13 10.12 24.84
CA PHE B 132 -17.50 10.56 26.19
C PHE B 132 -19.01 10.67 26.27
N LEU B 133 -19.57 10.20 27.38
CA LEU B 133 -20.99 10.36 27.69
C LEU B 133 -21.12 11.16 28.98
N ASN B 134 -21.72 12.33 28.87
CA ASN B 134 -21.85 13.26 30.00
C ASN B 134 -20.51 13.45 30.68
N GLY B 135 -19.45 13.59 29.87
CA GLY B 135 -18.16 13.91 30.42
C GLY B 135 -17.33 12.71 30.85
N GLN B 136 -17.89 11.51 30.85
CA GLN B 136 -17.20 10.30 31.27
C GLN B 136 -16.76 9.49 30.05
N GLU B 137 -15.49 9.12 29.98
CA GLU B 137 -15.05 8.34 28.84
C GLU B 137 -15.74 6.99 28.80
N GLU B 138 -16.11 6.60 27.58
CA GLU B 138 -16.79 5.34 27.33
C GLU B 138 -15.86 4.50 26.49
N THR B 139 -15.52 3.35 26.98
CA THR B 139 -14.64 2.45 26.27
C THR B 139 -15.22 1.06 26.10
N ALA B 140 -15.94 0.55 27.09
CA ALA B 140 -16.36 -0.84 27.00
C ALA B 140 -17.30 -1.08 25.83
N GLY B 141 -18.07 -0.07 25.44
CA GLY B 141 -19.03 -0.15 24.36
C GLY B 141 -18.52 0.28 23.01
N VAL B 142 -17.22 0.53 22.88
CA VAL B 142 -16.64 1.04 21.65
C VAL B 142 -16.20 -0.14 20.78
N VAL B 143 -16.74 -0.21 19.57
CA VAL B 143 -16.30 -1.09 18.51
C VAL B 143 -15.64 -0.19 17.48
N SER B 144 -14.36 -0.41 17.21
CA SER B 144 -13.66 0.37 16.18
C SER B 144 -13.31 -0.51 14.98
N THR B 145 -13.35 0.08 13.77
CA THR B 145 -12.72 -0.56 12.63
C THR B 145 -11.21 -0.56 12.83
N ASN B 146 -10.50 -1.21 11.94
CA ASN B 146 -9.10 -0.83 12.01
C ASN B 146 -8.97 0.53 11.32
N LEU B 147 -7.78 1.09 11.40
CA LEU B 147 -7.40 2.14 10.48
C LEU B 147 -7.66 1.67 9.05
N ILE B 148 -8.31 2.52 8.26
CA ILE B 148 -8.63 2.21 6.87
C ILE B 148 -7.74 3.08 6.01
N ARG B 149 -6.89 2.43 5.21
CA ARG B 149 -6.03 3.11 4.26
C ARG B 149 -6.76 3.32 2.94
N ASN B 150 -6.86 4.57 2.50
CA ASN B 150 -7.63 4.88 1.31
C ASN B 150 -6.81 4.69 0.04
N GLY B 151 -5.49 4.58 0.17
CA GLY B 151 -4.61 4.44 -0.97
C GLY B 151 -4.20 5.74 -1.62
N ASP B 152 -4.73 6.88 -1.16
CA ASP B 152 -4.46 8.18 -1.74
C ASP B 152 -3.71 9.09 -0.78
N TRP B 153 -2.92 8.48 0.12
CA TRP B 153 -2.18 9.19 1.16
C TRP B 153 -3.11 9.84 2.18
N THR B 154 -4.29 9.27 2.37
CA THR B 154 -5.12 9.59 3.53
C THR B 154 -5.67 8.31 4.11
N PHE B 155 -6.15 8.43 5.36
CA PHE B 155 -6.76 7.38 6.14
C PHE B 155 -8.18 7.80 6.53
N GLN B 156 -8.93 6.81 7.01
CA GLN B 156 -10.18 7.09 7.73
C GLN B 156 -10.34 6.01 8.78
N ILE B 157 -11.27 6.22 9.71
CA ILE B 157 -11.55 5.20 10.71
C ILE B 157 -12.96 5.45 11.20
N LEU B 158 -13.65 4.38 11.56
CA LEU B 158 -15.00 4.48 12.12
C LEU B 158 -14.94 3.97 13.54
N VAL B 159 -15.32 4.82 14.48
CA VAL B 159 -15.24 4.46 15.88
C VAL B 159 -16.67 4.55 16.40
N MET B 160 -17.26 3.39 16.68
CA MET B 160 -18.67 3.26 16.98
C MET B 160 -18.90 2.95 18.45
N LEU B 161 -19.92 3.57 19.02
CA LEU B 161 -20.25 3.42 20.44
C LEU B 161 -21.60 2.75 20.57
N GLU B 162 -21.63 1.61 21.25
CA GLU B 162 -22.89 0.99 21.66
C GLU B 162 -23.57 1.87 22.71
N MET B 163 -24.81 2.23 22.44
CA MET B 163 -25.46 3.32 23.16
C MET B 163 -26.90 2.95 23.46
N THR B 164 -27.40 3.41 24.61
CA THR B 164 -28.84 3.42 24.90
C THR B 164 -29.25 4.85 25.19
N PRO B 165 -29.80 5.56 24.22
CA PRO B 165 -30.04 6.98 24.42
C PRO B 165 -31.16 7.23 25.40
N GLN B 166 -31.06 8.36 26.08
CA GLN B 166 -32.05 8.84 27.02
C GLN B 166 -32.02 10.35 26.90
N GLN B 167 -33.18 11.00 26.98
CA GLN B 167 -33.21 12.43 26.79
C GLN B 167 -32.26 13.08 27.79
N GLY B 168 -31.54 14.10 27.34
CA GLY B 168 -30.60 14.78 28.17
C GLY B 168 -29.16 14.32 28.04
N ASP B 169 -28.95 13.08 27.58
CA ASP B 169 -27.58 12.59 27.47
C ASP B 169 -26.81 13.37 26.40
N VAL B 170 -25.55 13.66 26.69
CA VAL B 170 -24.70 14.42 25.77
C VAL B 170 -23.50 13.56 25.45
N TYR B 171 -23.39 13.13 24.21
CA TYR B 171 -22.27 12.33 23.72
C TYR B 171 -21.30 13.24 23.00
N ILE B 172 -20.01 12.98 23.17
CA ILE B 172 -18.98 13.76 22.46
C ILE B 172 -17.91 12.79 21.97
N CYS B 173 -17.59 12.87 20.66
CA CYS B 173 -16.45 12.15 20.08
C CYS B 173 -15.28 13.14 19.98
N GLN B 174 -14.14 12.79 20.55
CA GLN B 174 -12.98 13.70 20.55
C GLN B 174 -11.84 13.04 19.80
N VAL B 175 -11.21 13.80 18.92
CA VAL B 175 -10.17 13.28 18.04
C VAL B 175 -8.88 14.04 18.30
N GLU B 176 -7.81 13.30 18.54
CA GLU B 176 -6.47 13.86 18.77
C GLU B 176 -5.59 13.44 17.62
N HIS B 177 -4.85 14.39 17.03
CA HIS B 177 -4.05 14.09 15.85
C HIS B 177 -2.95 15.15 15.76
N THR B 178 -1.77 14.73 15.27
CA THR B 178 -0.63 15.63 15.22
C THR B 178 -0.87 16.85 14.33
N SER B 179 -1.82 16.79 13.40
CA SER B 179 -2.11 17.92 12.52
C SER B 179 -2.92 19.02 13.18
N LEU B 180 -3.43 18.78 14.38
CA LEU B 180 -4.34 19.70 15.05
C LEU B 180 -3.60 20.51 16.09
N ASP B 181 -4.00 21.78 16.25
CA ASP B 181 -3.57 22.57 17.41
C ASP B 181 -4.12 21.95 18.69
N SER B 182 -5.42 21.72 18.71
CA SER B 182 -6.11 21.14 19.85
C SER B 182 -7.02 20.03 19.36
N PRO B 183 -7.47 19.15 20.25
CA PRO B 183 -8.39 18.08 19.83
C PRO B 183 -9.64 18.68 19.24
N VAL B 184 -10.25 17.96 18.29
CA VAL B 184 -11.52 18.39 17.74
C VAL B 184 -12.61 17.49 18.30
N THR B 185 -13.80 18.08 18.47
CA THR B 185 -14.92 17.35 19.07
C THR B 185 -16.18 17.55 18.24
N VAL B 186 -17.04 16.53 18.26
CA VAL B 186 -18.37 16.63 17.69
C VAL B 186 -19.33 16.12 18.76
N GLU B 187 -20.41 16.86 19.00
CA GLU B 187 -21.36 16.55 20.04
C GLU B 187 -22.62 15.97 19.42
N TRP B 188 -23.22 15.01 20.11
CA TRP B 188 -24.51 14.45 19.72
C TRP B 188 -25.39 14.35 20.96
N LYS B 189 -26.54 15.05 20.93
CA LYS B 189 -27.47 15.08 22.06
C LYS B 189 -28.61 14.10 21.83
N ALA B 190 -28.84 13.25 22.83
CA ALA B 190 -29.87 12.23 22.76
C ALA B 190 -31.27 12.79 22.97
N LYS C 1 19.23 20.21 -9.33
CA LYS C 1 18.20 19.18 -9.15
C LYS C 1 17.41 19.49 -7.89
N ASN C 2 16.18 18.96 -7.85
CA ASN C 2 15.44 18.78 -6.59
C ASN C 2 16.27 17.91 -5.66
N LEU C 3 15.70 17.51 -4.52
CA LEU C 3 16.37 16.59 -3.62
C LEU C 3 16.26 15.18 -4.18
N GLU C 4 17.40 14.59 -4.55
CA GLU C 4 17.41 13.35 -5.33
C GLU C 4 17.40 12.13 -4.42
N LYS C 5 16.38 11.30 -4.57
CA LYS C 5 16.30 10.02 -3.87
C LYS C 5 17.28 9.04 -4.52
N TYR C 6 17.93 8.21 -3.69
CA TYR C 6 18.93 7.24 -4.16
C TYR C 6 18.26 5.90 -4.46
N LYS C 7 18.75 5.23 -5.49
CA LYS C 7 18.33 3.87 -5.77
C LYS C 7 19.22 2.87 -5.06
N GLY C 8 18.72 1.62 -4.98
CA GLY C 8 19.57 0.47 -4.82
C GLY C 8 19.67 -0.29 -6.14
N LYS C 9 20.70 -1.13 -6.25
CA LYS C 9 20.98 -1.86 -7.48
C LYS C 9 20.78 -3.35 -7.24
N PHE C 10 19.73 -3.93 -7.81
CA PHE C 10 19.54 -5.38 -7.69
C PHE C 10 20.72 -6.11 -8.31
N VAL C 11 21.01 -7.29 -7.77
CA VAL C 11 22.16 -8.08 -8.22
C VAL C 11 21.72 -9.08 -9.27
N ARG C 12 22.60 -9.33 -10.24
CA ARG C 12 22.32 -10.26 -11.32
C ARG C 12 22.51 -11.71 -10.85
N GLU C 13 21.55 -12.55 -11.18
CA GLU C 13 21.63 -13.97 -10.87
C GLU C 13 22.80 -14.63 -11.62
N ILE C 14 23.29 -15.73 -11.07
CA ILE C 14 24.29 -16.56 -11.75
C ILE C 14 23.54 -17.47 -12.72
N ASP C 15 23.81 -17.30 -14.02
CA ASP C 15 23.26 -18.23 -15.01
C ASP C 15 24.36 -18.85 -15.86
C1 NAG D . -9.05 -9.30 -18.87
C2 NAG D . -8.87 -10.81 -18.90
C3 NAG D . -8.27 -11.27 -20.23
C4 NAG D . -8.99 -10.64 -21.43
C5 NAG D . -9.11 -9.13 -21.24
C6 NAG D . -9.93 -8.48 -22.33
C7 NAG D . -8.45 -11.94 -16.75
C8 NAG D . -7.42 -12.24 -15.69
N2 NAG D . -8.02 -11.22 -17.79
O3 NAG D . -8.38 -12.69 -20.33
O4 NAG D . -8.28 -10.90 -22.63
O5 NAG D . -9.78 -8.87 -20.00
O6 NAG D . -9.69 -7.08 -22.38
O7 NAG D . -9.61 -12.33 -16.65
C1 GOL E . 21.31 -20.83 -12.85
O1 GOL E . 20.18 -21.45 -13.46
C2 GOL E . 21.92 -21.82 -11.79
O2 GOL E . 22.98 -22.55 -12.31
C3 GOL E . 20.73 -22.71 -11.38
O3 GOL E . 21.19 -23.63 -10.45
H11 GOL E . 21.99 -20.58 -13.48
H12 GOL E . 21.07 -20.00 -12.38
HO1 GOL E . 19.82 -20.88 -13.98
H2 GOL E . 22.29 -21.34 -11.03
HO2 GOL E . 23.54 -22.68 -11.68
H31 GOL E . 20.02 -22.13 -11.04
H32 GOL E . 20.36 -23.12 -12.18
HO3 GOL E . 20.53 -23.84 -9.94
C1 GOL F . 4.83 0.93 8.27
O1 GOL F . 3.67 1.16 7.51
C2 GOL F . 4.50 1.42 9.70
O2 GOL F . 3.37 0.83 10.20
C3 GOL F . 5.78 1.07 10.49
O3 GOL F . 5.81 1.93 11.58
H11 GOL F . 5.08 -0.01 8.30
H12 GOL F . 5.61 1.40 7.93
HO1 GOL F . 3.86 0.91 6.71
H2 GOL F . 4.33 2.37 9.72
HO2 GOL F . 3.52 0.01 10.30
H31 GOL F . 5.74 0.13 10.75
H32 GOL F . 6.55 1.14 9.91
HO3 GOL F . 6.38 1.63 12.12
C1 GOL G . -0.48 7.57 -10.11
O1 GOL G . 0.56 8.03 -9.32
C2 GOL G . -0.75 6.10 -9.77
O2 GOL G . -1.16 5.92 -8.49
C3 GOL G . -1.89 5.77 -10.75
O3 GOL G . -1.73 4.48 -11.22
H11 GOL G . -1.30 8.08 -9.97
H12 GOL G . -0.28 7.65 -11.05
HO1 GOL G . 0.20 8.31 -8.59
H2 GOL G . 0.04 5.56 -9.88
HO2 GOL G . -1.88 6.37 -8.39
H31 GOL G . -2.73 5.90 -10.29
H32 GOL G . -1.88 6.44 -11.45
HO3 GOL G . -2.52 4.17 -11.32
C1 GOL H . 16.11 -6.05 -20.29
O1 GOL H . 16.42 -7.33 -19.78
C2 GOL H . 14.59 -5.85 -20.18
O2 GOL H . 14.22 -5.23 -18.99
C3 GOL H . 14.24 -4.95 -21.40
O3 GOL H . 12.84 -4.96 -21.54
H11 GOL H . 16.57 -5.34 -19.80
H12 GOL H . 16.39 -5.94 -21.22
HO1 GOL H . 17.14 -7.26 -19.36
H2 GOL H . 14.12 -6.70 -20.21
HO2 GOL H . 14.51 -4.43 -19.02
H31 GOL H . 14.61 -4.07 -21.25
H32 GOL H . 14.70 -5.29 -22.17
HO3 GOL H . 12.61 -4.18 -21.83
MG MG I . 11.92 13.01 -11.05
C1 NAG J . 17.23 4.68 21.31
C2 NAG J . 16.79 3.71 22.41
C3 NAG J . 17.58 3.95 23.68
C4 NAG J . 19.08 3.89 23.40
C5 NAG J . 19.45 4.88 22.31
C6 NAG J . 20.89 4.77 21.90
C7 NAG J . 14.51 2.79 22.53
C8 NAG J . 13.07 3.10 22.81
N2 NAG J . 15.36 3.82 22.65
O3 NAG J . 17.24 2.96 24.65
O4 NAG J . 19.81 4.20 24.59
O5 NAG J . 18.67 4.61 21.13
O6 NAG J . 21.44 6.01 21.44
O7 NAG J . 14.88 1.66 22.22
C1 GOL K . -2.69 18.22 19.44
O1 GOL K . -1.93 19.28 19.85
C2 GOL K . -3.90 17.88 20.38
O2 GOL K . -4.89 18.67 20.19
C3 GOL K . -4.05 16.62 19.84
O3 GOL K . -5.15 16.78 19.05
H11 GOL K . -3.06 18.38 18.56
H12 GOL K . -2.15 17.42 19.37
HO1 GOL K . -1.75 19.72 19.12
H2 GOL K . -3.78 17.93 21.34
HO2 GOL K . -4.65 19.40 20.56
H31 GOL K . -3.24 16.36 19.35
H32 GOL K . -4.14 15.96 20.54
HO3 GOL K . -4.87 16.91 18.27
C1 GOL L . 21.80 -2.51 10.63
O1 GOL L . 21.76 -3.84 10.17
C2 GOL L . 22.94 -1.82 9.90
O2 GOL L . 22.96 -0.45 10.14
C3 GOL L . 24.24 -2.49 10.41
O3 GOL L . 25.29 -1.93 9.65
H11 GOL L . 20.97 -2.03 10.45
H12 GOL L . 21.94 -2.45 11.58
HO1 GOL L . 22.11 -4.32 10.78
H2 GOL L . 22.85 -1.95 8.94
HO2 GOL L . 23.20 -0.32 10.96
H31 GOL L . 24.31 -2.33 11.37
H32 GOL L . 24.15 -3.45 10.32
HO3 GOL L . 26.02 -2.13 10.04
C1 GOL M . -1.86 10.03 18.08
O1 GOL M . -2.38 8.90 18.73
C2 GOL M . -2.16 11.33 18.89
O2 GOL M . -1.64 11.28 20.17
C3 GOL M . -1.47 12.37 18.03
O3 GOL M . -1.96 13.62 18.36
H11 GOL M . -0.90 9.95 17.95
H12 GOL M . -2.24 10.13 17.18
HO1 GOL M . -2.33 8.25 18.17
H2 GOL M . -3.11 11.48 19.02
HO2 GOL M . -0.81 11.41 20.11
H31 GOL M . -0.50 12.29 18.15
H32 GOL M . -1.62 12.15 17.09
HO3 GOL M . -1.32 14.19 18.24
C1 GOL N . -6.30 4.46 16.22
O1 GOL N . -5.62 3.31 15.83
C2 GOL N . -6.87 4.28 17.65
O2 GOL N . -5.91 4.49 18.63
C3 GOL N . -8.02 5.33 17.71
O3 GOL N . -8.36 5.47 19.03
H11 GOL N . -5.73 5.24 16.21
H12 GOL N . -7.04 4.67 15.62
HO1 GOL N . -5.51 3.37 14.98
H2 GOL N . -7.19 3.38 17.81
HO2 GOL N . -5.29 4.96 18.28
H31 GOL N . -7.71 6.16 17.30
H32 GOL N . -8.75 5.03 17.16
HO3 GOL N . -7.79 6.02 19.37
C1 GOL O . 1.05 18.54 3.94
O1 GOL O . 1.18 19.13 5.16
C2 GOL O . 0.95 19.61 2.82
O2 GOL O . 2.13 19.79 2.17
C3 GOL O . -0.14 18.97 1.95
O3 GOL O . -0.32 19.75 0.84
H11 GOL O . 1.80 17.97 3.73
H12 GOL O . 0.27 17.97 3.88
HO1 GOL O . 1.89 18.82 5.50
H2 GOL O . 0.72 20.50 3.14
HO2 GOL O . 2.12 19.31 1.50
H31 GOL O . 0.15 18.06 1.74
H32 GOL O . -0.94 18.87 2.48
HO3 GOL O . -0.32 19.22 0.18
C1 GOL P . -27.74 15.66 17.60
O1 GOL P . -29.01 15.08 17.56
C2 GOL P . -27.87 17.13 18.06
O2 GOL P . -29.03 17.34 18.79
C3 GOL P . -26.62 17.34 18.91
O3 GOL P . -25.98 18.55 18.52
H11 GOL P . -27.14 15.20 18.21
H12 GOL P . -27.30 15.64 16.73
HO1 GOL P . -29.04 14.48 18.18
H2 GOL P . -27.92 17.72 17.29
HO2 GOL P . -29.07 16.75 19.39
H31 GOL P . -26.89 17.33 19.84
H32 GOL P . -26.05 16.56 18.80
HO3 GOL P . -25.61 18.88 19.23
MG MG Q . -13.51 -2.52 18.38
#